data_5WME
#
_entry.id   5WME
#
_cell.length_a   24.247
_cell.length_b   72.960
_cell.length_c   114.484
_cell.angle_alpha   90.00
_cell.angle_beta   96.29
_cell.angle_gamma   90.00
#
_symmetry.space_group_name_H-M   'P 1 21 1'
#
loop_
_entity.id
_entity.type
_entity.pdbx_description
1 polymer 'Capsid assembly scaffolding protein,Myosin-7'
2 water water
#
_entity_poly.entity_id   1
_entity_poly.type   'polypeptide(L)'
_entity_poly.pdbx_seq_one_letter_code
;GGSGPLKPEEHEDILNKLLDPELAQSERTEALQQLRVNYGSFVSEYNDLTKKMDADLSQLQTEVEEAVQECRNAEEKAKK
AITDAAMMAEELKKEQDTSAHLERMKKNM
;
_entity_poly.pdbx_strand_id   A,B,C,D
#
# COMPACT_ATOMS: atom_id res chain seq x y z
N PRO A 5 14.94 42.11 11.22
CA PRO A 5 15.67 42.03 12.49
C PRO A 5 17.03 42.72 12.41
N LEU A 6 17.51 43.21 13.55
CA LEU A 6 18.77 43.94 13.59
C LEU A 6 19.93 42.96 13.46
N LYS A 7 20.81 43.21 12.48
CA LYS A 7 21.96 42.35 12.25
C LYS A 7 23.01 42.55 13.33
N PRO A 8 23.84 41.54 13.58
CA PRO A 8 24.86 41.68 14.64
C PRO A 8 25.80 42.86 14.46
N GLU A 9 26.14 43.20 13.23
CA GLU A 9 26.98 44.38 13.00
C GLU A 9 26.19 45.66 13.22
N GLU A 10 24.93 45.69 12.74
CA GLU A 10 24.10 46.86 12.95
C GLU A 10 23.76 47.05 14.41
N HIS A 11 23.63 45.95 15.16
CA HIS A 11 23.42 46.04 16.60
C HIS A 11 24.65 46.56 17.31
N GLU A 12 25.85 46.24 16.80
CA GLU A 12 27.08 46.72 17.42
C GLU A 12 27.23 48.24 17.27
N ASP A 13 26.73 48.80 16.16
CA ASP A 13 26.84 50.24 15.97
C ASP A 13 26.02 51.00 17.01
N ILE A 14 24.86 50.47 17.38
CA ILE A 14 24.03 51.12 18.39
C ILE A 14 24.69 51.04 19.76
N LEU A 15 25.31 49.89 20.06
CA LEU A 15 26.02 49.76 21.34
C LEU A 15 27.20 50.72 21.42
N ASN A 16 27.96 50.85 20.33
CA ASN A 16 29.06 51.80 20.32
C ASN A 16 28.57 53.23 20.42
N LYS A 17 27.39 53.52 19.87
CA LYS A 17 26.80 54.85 19.99
C LYS A 17 26.43 55.16 21.44
N LEU A 18 25.93 54.16 22.17
CA LEU A 18 25.58 54.36 23.57
C LEU A 18 26.80 54.42 24.47
N LEU A 19 27.97 53.97 23.99
CA LEU A 19 29.18 54.04 24.79
C LEU A 19 29.63 55.48 24.99
N ASP A 20 29.26 56.38 24.09
CA ASP A 20 29.65 57.78 24.14
C ASP A 20 28.95 58.47 25.30
N PRO A 21 29.66 58.89 26.36
CA PRO A 21 28.97 59.57 27.48
C PRO A 21 28.50 60.97 27.12
N GLU A 22 29.02 61.57 26.06
CA GLU A 22 28.59 62.90 25.62
C GLU A 22 27.37 62.84 24.71
N LEU A 23 26.87 61.65 24.41
CA LEU A 23 25.70 61.52 23.53
C LEU A 23 24.50 62.27 24.10
N ALA A 24 23.82 62.99 23.22
CA ALA A 24 22.63 63.74 23.64
C ALA A 24 21.53 62.79 24.10
N GLN A 25 20.67 63.30 24.99
CA GLN A 25 19.61 62.47 25.54
C GLN A 25 18.57 62.10 24.49
N SER A 26 18.39 62.93 23.47
CA SER A 26 17.43 62.61 22.42
C SER A 26 17.87 61.37 21.64
N GLU A 27 19.17 61.26 21.37
CA GLU A 27 19.66 60.10 20.63
C GLU A 27 19.88 58.90 21.53
N ARG A 28 20.16 59.13 22.82
CA ARG A 28 20.34 58.02 23.75
C ARG A 28 19.01 57.32 24.02
N THR A 29 17.94 58.10 24.22
CA THR A 29 16.62 57.51 24.41
C THR A 29 16.13 56.83 23.15
N GLU A 30 16.42 57.42 21.98
CA GLU A 30 15.98 56.82 20.72
C GLU A 30 16.77 55.57 20.39
N ALA A 31 18.04 55.49 20.83
CA ALA A 31 18.83 54.29 20.61
C ALA A 31 18.40 53.16 21.54
N LEU A 32 18.02 53.49 22.77
CA LEU A 32 17.50 52.46 23.67
C LEU A 32 16.14 51.96 23.24
N GLN A 33 15.26 52.88 22.81
CA GLN A 33 14.00 52.47 22.22
C GLN A 33 14.20 51.62 20.98
N GLN A 34 15.30 51.85 20.26
CA GLN A 34 15.64 51.02 19.12
C GLN A 34 16.02 49.60 19.56
N LEU A 35 16.62 49.46 20.75
CA LEU A 35 16.93 48.14 21.28
C LEU A 35 15.72 47.49 21.92
N ARG A 36 14.83 48.29 22.53
CA ARG A 36 13.64 47.73 23.16
C ARG A 36 12.66 47.20 22.10
N VAL A 37 12.50 47.94 21.00
CA VAL A 37 11.62 47.46 19.92
C VAL A 37 12.22 46.25 19.24
N ASN A 38 13.54 46.26 19.01
CA ASN A 38 14.18 45.16 18.31
C ASN A 38 14.13 43.87 19.13
N TYR A 39 14.31 43.97 20.45
CA TYR A 39 14.36 42.77 21.28
C TYR A 39 12.97 42.16 21.45
N GLY A 40 11.99 42.97 21.84
CA GLY A 40 10.64 42.46 22.02
C GLY A 40 10.06 41.86 20.76
N SER A 41 10.40 42.42 19.60
CA SER A 41 9.94 41.84 18.34
C SER A 41 10.71 40.58 17.99
N PHE A 42 11.98 40.50 18.40
CA PHE A 42 12.77 39.30 18.10
C PHE A 42 12.32 38.12 18.96
N VAL A 43 11.96 38.37 20.21
CA VAL A 43 11.43 37.31 21.06
C VAL A 43 10.08 36.84 20.55
N SER A 44 9.25 37.77 20.10
CA SER A 44 7.94 37.41 19.58
C SER A 44 8.05 36.57 18.32
N GLU A 45 8.99 36.92 17.43
CA GLU A 45 9.20 36.12 16.23
C GLU A 45 9.69 34.72 16.57
N TYR A 46 10.51 34.59 17.62
CA TYR A 46 11.01 33.28 18.01
C TYR A 46 9.90 32.41 18.58
N ASN A 47 9.05 32.98 19.45
CA ASN A 47 7.96 32.21 20.03
C ASN A 47 6.93 31.83 18.98
N ASP A 48 6.59 32.76 18.08
CA ASP A 48 5.63 32.46 17.03
C ASP A 48 6.19 31.46 16.02
N LEU A 49 7.51 31.44 15.85
CA LEU A 49 8.13 30.44 14.97
C LEU A 49 8.07 29.06 15.61
N THR A 50 8.29 28.99 16.92
CA THR A 50 8.19 27.70 17.63
C THR A 50 6.76 27.19 17.63
N LYS A 51 5.78 28.09 17.79
CA LYS A 51 4.38 27.67 17.84
C LYS A 51 3.91 27.18 16.46
N LYS A 52 4.33 27.86 15.40
CA LYS A 52 3.90 27.46 14.06
C LYS A 52 4.52 26.12 13.66
N MET A 53 5.77 25.89 14.04
CA MET A 53 6.43 24.62 13.69
C MET A 53 5.80 23.46 14.44
N ASP A 54 5.42 23.67 15.70
CA ASP A 54 4.79 22.60 16.48
C ASP A 54 3.43 22.23 15.89
N ALA A 55 2.69 23.21 15.39
CA ALA A 55 1.43 22.91 14.71
C ALA A 55 1.66 22.21 13.38
N ASP A 56 2.77 22.53 12.70
CA ASP A 56 3.10 21.85 11.46
C ASP A 56 3.43 20.38 11.69
N LEU A 57 4.28 20.11 12.69
CA LEU A 57 4.66 18.73 12.98
C LEU A 57 3.46 17.90 13.43
N SER A 58 2.54 18.52 14.19
CA SER A 58 1.36 17.80 14.64
C SER A 58 0.39 17.54 13.49
N GLN A 59 0.29 18.49 12.56
CA GLN A 59 -0.59 18.29 11.41
C GLN A 59 -0.04 17.22 10.46
N LEU A 60 1.28 17.20 10.26
CA LEU A 60 1.88 16.18 9.39
C LEU A 60 1.67 14.78 9.96
N GLN A 61 1.72 14.65 11.29
CA GLN A 61 1.47 13.35 11.90
C GLN A 61 0.05 12.86 11.62
N THR A 62 -0.93 13.77 11.68
CA THR A 62 -2.30 13.38 11.44
C THR A 62 -2.52 13.00 9.98
N GLU A 63 -1.89 13.72 9.05
CA GLU A 63 -2.08 13.43 7.63
C GLU A 63 -1.42 12.12 7.24
N VAL A 64 -0.28 11.79 7.84
CA VAL A 64 0.38 10.52 7.51
C VAL A 64 -0.36 9.35 8.16
N GLU A 65 -0.95 9.56 9.34
CA GLU A 65 -1.74 8.50 9.97
C GLU A 65 -2.92 8.12 9.10
N GLU A 66 -3.54 9.10 8.43
CA GLU A 66 -4.64 8.80 7.52
C GLU A 66 -4.15 8.08 6.28
N ALA A 67 -2.92 8.34 5.85
CA ALA A 67 -2.34 7.56 4.77
C ALA A 67 -2.04 6.13 5.22
N VAL A 68 -1.67 5.95 6.49
CA VAL A 68 -1.48 4.60 7.03
C VAL A 68 -2.78 3.83 7.00
N GLN A 69 -3.89 4.49 7.36
CA GLN A 69 -5.17 3.80 7.41
C GLN A 69 -5.59 3.32 6.02
N GLU A 70 -5.35 4.14 5.00
CA GLU A 70 -5.65 3.71 3.63
C GLU A 70 -4.77 2.55 3.20
N CYS A 71 -3.51 2.51 3.67
CA CYS A 71 -2.67 1.36 3.42
C CYS A 71 -3.22 0.11 4.11
N ARG A 72 -3.75 0.27 5.32
CA ARG A 72 -4.37 -0.84 6.02
C ARG A 72 -5.61 -1.33 5.30
N ASN A 73 -6.46 -0.40 4.86
CA ASN A 73 -7.64 -0.78 4.09
C ASN A 73 -7.24 -1.50 2.80
N ALA A 74 -6.15 -1.05 2.16
CA ALA A 74 -5.65 -1.73 0.97
C ALA A 74 -5.10 -3.11 1.32
N GLU A 75 -4.47 -3.23 2.49
CA GLU A 75 -3.94 -4.53 2.91
C GLU A 75 -5.07 -5.52 3.19
N GLU A 76 -6.15 -5.05 3.83
CA GLU A 76 -7.26 -5.95 4.16
C GLU A 76 -8.00 -6.40 2.91
N LYS A 77 -8.05 -5.56 1.87
CA LYS A 77 -8.70 -5.98 0.63
C LYS A 77 -7.85 -7.01 -0.11
N ALA A 78 -6.53 -6.88 -0.05
CA ALA A 78 -5.66 -7.87 -0.68
C ALA A 78 -5.68 -9.18 0.09
N LYS A 79 -5.68 -9.12 1.42
CA LYS A 79 -5.79 -10.33 2.22
C LYS A 79 -7.14 -11.01 2.02
N LYS A 80 -8.18 -10.24 1.73
CA LYS A 80 -9.48 -10.84 1.43
C LYS A 80 -9.42 -11.66 0.15
N ALA A 81 -8.66 -11.19 -0.85
CA ALA A 81 -8.50 -11.96 -2.06
C ALA A 81 -7.75 -13.26 -1.82
N ILE A 82 -6.81 -13.24 -0.87
CA ILE A 82 -6.09 -14.47 -0.51
C ILE A 82 -7.04 -15.45 0.16
N THR A 83 -7.83 -14.96 1.13
CA THR A 83 -8.78 -15.83 1.82
C THR A 83 -9.85 -16.35 0.86
N ASP A 84 -10.29 -15.52 -0.07
CA ASP A 84 -11.28 -15.96 -1.05
C ASP A 84 -10.69 -16.95 -2.04
N ALA A 85 -9.43 -16.75 -2.41
CA ALA A 85 -8.77 -17.70 -3.30
C ALA A 85 -8.58 -19.06 -2.63
N ALA A 86 -8.34 -19.07 -1.32
CA ALA A 86 -8.18 -20.34 -0.61
C ALA A 86 -9.49 -21.11 -0.55
N MET A 87 -10.60 -20.42 -0.27
CA MET A 87 -11.88 -21.11 -0.22
C MET A 87 -12.34 -21.52 -1.62
N MET A 88 -11.88 -20.82 -2.66
CA MET A 88 -12.15 -21.26 -4.02
C MET A 88 -11.48 -22.59 -4.32
N ALA A 89 -10.31 -22.84 -3.73
CA ALA A 89 -9.64 -24.13 -3.91
C ALA A 89 -10.34 -25.21 -3.11
N GLU A 90 -10.83 -24.88 -1.92
CA GLU A 90 -11.57 -25.86 -1.13
C GLU A 90 -12.92 -26.18 -1.75
N GLU A 91 -13.57 -25.18 -2.35
CA GLU A 91 -14.87 -25.39 -2.98
C GLU A 91 -14.76 -26.09 -4.33
N LEU A 92 -13.56 -26.17 -4.91
CA LEU A 92 -13.34 -27.03 -6.07
C LEU A 92 -13.00 -28.46 -5.68
N LYS A 93 -12.74 -28.71 -4.40
CA LYS A 93 -12.51 -30.06 -3.89
C LYS A 93 -13.80 -30.77 -3.53
N LYS A 94 -14.95 -30.26 -3.98
CA LYS A 94 -16.24 -30.91 -3.77
C LYS A 94 -16.41 -32.00 -4.83
N GLU A 95 -15.60 -33.05 -4.68
CA GLU A 95 -15.55 -34.13 -5.66
C GLU A 95 -16.11 -35.42 -5.09
N GLY B 4 -11.08 -35.12 -31.25
CA GLY B 4 -10.87 -35.10 -29.80
C GLY B 4 -11.93 -35.84 -29.02
N PRO B 5 -12.39 -35.24 -27.92
CA PRO B 5 -13.43 -35.89 -27.12
C PRO B 5 -14.73 -36.01 -27.92
N LEU B 6 -15.41 -37.14 -27.72
CA LEU B 6 -16.65 -37.41 -28.43
C LEU B 6 -17.72 -36.41 -28.04
N LYS B 7 -18.29 -35.72 -29.03
CA LYS B 7 -19.39 -34.81 -28.77
C LYS B 7 -20.65 -35.59 -28.40
N PRO B 8 -21.60 -34.93 -27.74
CA PRO B 8 -22.86 -35.62 -27.37
C PRO B 8 -23.51 -36.39 -28.50
N GLU B 9 -23.68 -35.76 -29.66
CA GLU B 9 -24.33 -36.44 -30.78
C GLU B 9 -23.47 -37.59 -31.31
N GLU B 10 -22.15 -37.38 -31.38
CA GLU B 10 -21.26 -38.45 -31.81
C GLU B 10 -21.21 -39.58 -30.78
N HIS B 11 -21.35 -39.24 -29.49
CA HIS B 11 -21.40 -40.28 -28.46
C HIS B 11 -22.71 -41.06 -28.54
N GLU B 12 -23.80 -40.38 -28.88
CA GLU B 12 -25.09 -41.06 -28.97
C GLU B 12 -25.14 -42.03 -30.15
N ASP B 13 -24.45 -41.71 -31.24
CA ASP B 13 -24.42 -42.62 -32.40
C ASP B 13 -23.77 -43.94 -32.03
N ILE B 14 -22.72 -43.91 -31.22
CA ILE B 14 -22.06 -45.15 -30.81
C ILE B 14 -22.96 -45.97 -29.90
N LEU B 15 -23.63 -45.32 -28.95
CA LEU B 15 -24.55 -46.03 -28.07
C LEU B 15 -25.74 -46.59 -28.84
N ASN B 16 -26.10 -45.97 -29.96
CA ASN B 16 -27.24 -46.44 -30.73
C ASN B 16 -26.90 -47.73 -31.48
N LYS B 17 -25.73 -47.78 -32.12
CA LYS B 17 -25.35 -48.97 -32.85
C LYS B 17 -24.99 -50.13 -31.92
N LEU B 18 -24.61 -49.83 -30.66
CA LEU B 18 -24.36 -50.87 -29.68
C LEU B 18 -25.64 -51.49 -29.14
N LEU B 19 -26.80 -50.90 -29.43
CA LEU B 19 -28.08 -51.45 -28.99
C LEU B 19 -28.49 -52.68 -29.77
N ASP B 20 -27.98 -52.85 -30.99
CA ASP B 20 -28.35 -53.99 -31.82
C ASP B 20 -27.65 -55.25 -31.33
N PRO B 21 -28.39 -56.28 -30.90
CA PRO B 21 -27.72 -57.51 -30.44
C PRO B 21 -27.03 -58.27 -31.56
N GLU B 22 -27.57 -58.20 -32.78
CA GLU B 22 -27.00 -58.90 -33.92
C GLU B 22 -25.88 -58.13 -34.60
N LEU B 23 -25.36 -57.07 -33.95
CA LEU B 23 -24.22 -56.36 -34.49
C LEU B 23 -23.00 -57.26 -34.55
N ALA B 24 -22.23 -57.13 -35.63
CA ALA B 24 -21.02 -57.92 -35.79
C ALA B 24 -20.06 -57.66 -34.64
N GLN B 25 -19.40 -58.72 -34.15
CA GLN B 25 -18.53 -58.60 -33.01
C GLN B 25 -17.34 -57.69 -33.29
N SER B 26 -16.83 -57.70 -34.54
CA SER B 26 -15.74 -56.82 -34.89
C SER B 26 -16.15 -55.36 -34.79
N GLU B 27 -17.41 -55.05 -35.13
CA GLU B 27 -17.91 -53.69 -34.97
C GLU B 27 -18.28 -53.37 -33.54
N ARG B 28 -18.67 -54.38 -32.76
CA ARG B 28 -19.00 -54.16 -31.36
C ARG B 28 -17.74 -53.83 -30.55
N THR B 29 -16.68 -54.62 -30.74
CA THR B 29 -15.44 -54.35 -30.02
C THR B 29 -14.83 -53.02 -30.43
N GLU B 30 -14.97 -52.66 -31.71
CA GLU B 30 -14.46 -51.36 -32.17
C GLU B 30 -15.18 -50.21 -31.50
N ALA B 31 -16.51 -50.31 -31.36
CA ALA B 31 -17.27 -49.26 -30.72
C ALA B 31 -16.96 -49.19 -29.23
N LEU B 32 -16.83 -50.34 -28.56
CA LEU B 32 -16.48 -50.34 -27.14
C LEU B 32 -15.08 -49.78 -26.91
N GLN B 33 -14.16 -50.01 -27.85
CA GLN B 33 -12.83 -49.44 -27.73
C GLN B 33 -12.88 -47.91 -27.81
N GLN B 34 -13.74 -47.37 -28.68
CA GLN B 34 -13.86 -45.93 -28.77
C GLN B 34 -14.38 -45.34 -27.47
N LEU B 35 -15.32 -46.03 -26.82
CA LEU B 35 -15.83 -45.55 -25.54
C LEU B 35 -14.76 -45.63 -24.45
N ARG B 36 -13.97 -46.70 -24.45
CA ARG B 36 -12.93 -46.86 -23.44
C ARG B 36 -11.84 -45.81 -23.60
N VAL B 37 -11.43 -45.51 -24.84
CA VAL B 37 -10.40 -44.51 -25.07
C VAL B 37 -10.93 -43.12 -24.77
N ASN B 38 -12.17 -42.83 -25.20
CA ASN B 38 -12.72 -41.50 -25.02
C ASN B 38 -12.99 -41.20 -23.54
N TYR B 39 -13.49 -42.19 -22.79
CA TYR B 39 -13.78 -41.97 -21.38
C TYR B 39 -12.50 -41.79 -20.58
N GLY B 40 -11.47 -42.57 -20.89
CA GLY B 40 -10.20 -42.40 -20.20
C GLY B 40 -9.51 -41.09 -20.51
N SER B 41 -9.67 -40.59 -21.75
CA SER B 41 -9.09 -39.31 -22.11
C SER B 41 -9.88 -38.16 -21.50
N PHE B 42 -11.20 -38.30 -21.39
CA PHE B 42 -12.00 -37.24 -20.80
C PHE B 42 -11.79 -37.17 -19.29
N VAL B 43 -11.68 -38.32 -18.63
CA VAL B 43 -11.39 -38.33 -17.19
C VAL B 43 -10.01 -37.73 -16.93
N SER B 44 -9.03 -38.08 -17.78
CA SER B 44 -7.68 -37.54 -17.61
C SER B 44 -7.67 -36.03 -17.79
N GLU B 45 -8.38 -35.52 -18.80
CA GLU B 45 -8.44 -34.08 -19.01
C GLU B 45 -9.13 -33.37 -17.86
N TYR B 46 -10.10 -34.03 -17.22
CA TYR B 46 -10.78 -33.42 -16.08
C TYR B 46 -9.85 -33.28 -14.89
N ASN B 47 -8.98 -34.28 -14.67
CA ASN B 47 -8.04 -34.22 -13.57
C ASN B 47 -6.88 -33.27 -13.84
N ASP B 48 -6.55 -33.04 -15.12
CA ASP B 48 -5.47 -32.12 -15.44
C ASP B 48 -5.89 -30.67 -15.23
N LEU B 49 -7.18 -30.37 -15.37
CA LEU B 49 -7.66 -29.02 -15.12
C LEU B 49 -7.90 -28.78 -13.63
N THR B 50 -8.37 -29.80 -12.92
CA THR B 50 -8.52 -29.69 -11.47
C THR B 50 -7.18 -29.47 -10.79
N LYS B 51 -6.14 -30.17 -11.25
CA LYS B 51 -4.81 -29.99 -10.69
C LYS B 51 -4.22 -28.64 -11.07
N LYS B 52 -4.43 -28.21 -12.31
CA LYS B 52 -3.86 -26.94 -12.76
C LYS B 52 -4.54 -25.76 -12.07
N MET B 53 -5.85 -25.84 -11.85
CA MET B 53 -6.56 -24.75 -11.18
C MET B 53 -6.16 -24.66 -9.71
N ASP B 54 -5.96 -25.80 -9.05
CA ASP B 54 -5.53 -25.79 -7.66
C ASP B 54 -4.14 -25.17 -7.52
N ALA B 55 -3.25 -25.47 -8.46
CA ALA B 55 -1.92 -24.85 -8.45
C ALA B 55 -1.99 -23.38 -8.84
N ASP B 56 -2.95 -23.01 -9.70
CA ASP B 56 -3.11 -21.61 -10.08
C ASP B 56 -3.60 -20.78 -8.90
N LEU B 57 -4.60 -21.29 -8.18
CA LEU B 57 -5.09 -20.58 -7.00
C LEU B 57 -4.02 -20.49 -5.92
N SER B 58 -3.17 -21.52 -5.79
CA SER B 58 -2.10 -21.47 -4.80
C SER B 58 -1.04 -20.46 -5.19
N GLN B 59 -0.74 -20.34 -6.49
CA GLN B 59 0.24 -19.37 -6.94
C GLN B 59 -0.28 -17.95 -6.77
N LEU B 60 -1.57 -17.73 -6.98
CA LEU B 60 -2.14 -16.40 -6.83
C LEU B 60 -2.09 -15.93 -5.38
N GLN B 61 -2.29 -16.86 -4.43
CA GLN B 61 -2.22 -16.49 -3.02
C GLN B 61 -0.82 -16.03 -2.64
N THR B 62 0.21 -16.69 -3.17
CA THR B 62 1.59 -16.31 -2.88
C THR B 62 1.93 -14.96 -3.49
N GLU B 63 1.39 -14.68 -4.69
CA GLU B 63 1.71 -13.43 -5.36
C GLU B 63 1.01 -12.25 -4.72
N VAL B 64 -0.25 -12.43 -4.28
CA VAL B 64 -0.96 -11.36 -3.60
C VAL B 64 -0.37 -11.11 -2.23
N GLU B 65 0.17 -12.16 -1.58
CA GLU B 65 0.80 -11.99 -0.27
C GLU B 65 2.01 -11.07 -0.36
N GLU B 66 2.76 -11.14 -1.46
CA GLU B 66 3.90 -10.24 -1.62
C GLU B 66 3.45 -8.79 -1.75
N ALA B 67 2.26 -8.55 -2.30
CA ALA B 67 1.69 -7.22 -2.28
C ALA B 67 1.23 -6.84 -0.87
N VAL B 68 0.72 -7.81 -0.11
CA VAL B 68 0.33 -7.56 1.27
C VAL B 68 1.54 -7.15 2.10
N GLN B 69 2.62 -7.91 2.00
CA GLN B 69 3.83 -7.58 2.75
C GLN B 69 4.38 -6.22 2.34
N GLU B 70 4.21 -5.84 1.07
CA GLU B 70 4.65 -4.52 0.66
C GLU B 70 3.79 -3.42 1.29
N CYS B 71 2.50 -3.68 1.49
CA CYS B 71 1.67 -2.74 2.24
C CYS B 71 2.15 -2.60 3.68
N ARG B 72 2.67 -3.69 4.27
CA ARG B 72 3.22 -3.60 5.62
C ARG B 72 4.46 -2.73 5.65
N ASN B 73 5.29 -2.81 4.61
CA ASN B 73 6.47 -1.95 4.54
C ASN B 73 6.06 -0.49 4.40
N ALA B 74 4.98 -0.22 3.67
CA ALA B 74 4.49 1.15 3.54
C ALA B 74 4.02 1.70 4.88
N GLU B 75 3.29 0.89 5.65
CA GLU B 75 2.83 1.33 6.96
C GLU B 75 4.00 1.55 7.91
N GLU B 76 4.98 0.64 7.88
CA GLU B 76 6.12 0.77 8.79
C GLU B 76 6.93 2.03 8.50
N LYS B 77 7.19 2.31 7.21
CA LYS B 77 7.96 3.51 6.87
C LYS B 77 7.16 4.77 7.15
N ALA B 78 5.85 4.74 6.91
CA ALA B 78 5.01 5.90 7.22
C ALA B 78 4.92 6.13 8.72
N LYS B 79 4.88 5.05 9.50
CA LYS B 79 4.85 5.21 10.95
C LYS B 79 6.18 5.71 11.48
N LYS B 80 7.29 5.40 10.79
CA LYS B 80 8.58 5.96 11.19
C LYS B 80 8.61 7.47 11.00
N ALA B 81 8.01 7.95 9.90
CA ALA B 81 7.91 9.39 9.70
C ALA B 81 7.03 10.05 10.75
N ILE B 82 6.00 9.33 11.23
CA ILE B 82 5.18 9.84 12.32
C ILE B 82 5.99 9.91 13.62
N THR B 83 6.73 8.84 13.92
CA THR B 83 7.53 8.82 15.14
C THR B 83 8.63 9.89 15.08
N ASP B 84 9.29 10.03 13.93
CA ASP B 84 10.32 11.05 13.80
C ASP B 84 9.74 12.46 13.88
N ALA B 85 8.51 12.65 13.40
CA ALA B 85 7.90 13.97 13.50
C ALA B 85 7.59 14.32 14.95
N ALA B 86 7.16 13.34 15.75
CA ALA B 86 6.94 13.59 17.17
C ALA B 86 8.26 13.79 17.89
N MET B 87 9.30 13.05 17.49
CA MET B 87 10.63 13.25 18.07
C MET B 87 11.15 14.65 17.77
N MET B 88 10.88 15.16 16.57
CA MET B 88 11.28 16.52 16.24
C MET B 88 10.52 17.55 17.06
N ALA B 89 9.28 17.23 17.44
CA ALA B 89 8.51 18.16 18.28
C ALA B 89 9.06 18.20 19.69
N GLU B 90 9.37 17.04 20.28
CA GLU B 90 9.98 17.00 21.59
C GLU B 90 11.38 17.60 21.58
N GLU B 91 12.09 17.48 20.46
CA GLU B 91 13.44 18.02 20.38
C GLU B 91 13.45 19.54 20.41
N LEU B 92 12.41 20.18 19.85
CA LEU B 92 12.35 21.64 19.83
C LEU B 92 11.91 22.21 21.18
N LYS B 93 11.12 21.46 21.94
CA LYS B 93 10.69 21.94 23.26
C LYS B 93 11.76 21.75 24.33
N LYS B 94 12.74 20.87 24.08
CA LYS B 94 13.86 20.74 25.01
C LYS B 94 14.74 21.97 24.99
N GLU B 95 14.90 22.60 23.83
CA GLU B 95 15.71 23.80 23.69
C GLU B 95 14.89 25.05 23.99
N GLY C 4 -20.63 -36.90 -13.75
CA GLY C 4 -20.23 -38.26 -14.09
C GLY C 4 -19.35 -38.91 -13.02
N PRO C 5 -19.98 -39.49 -12.01
CA PRO C 5 -19.21 -40.11 -10.92
C PRO C 5 -18.68 -41.50 -11.23
N LEU C 6 -18.91 -42.02 -12.44
CA LEU C 6 -18.45 -43.36 -12.78
C LEU C 6 -16.92 -43.36 -12.90
N LYS C 7 -16.26 -44.05 -11.97
CA LYS C 7 -14.82 -44.21 -12.05
C LYS C 7 -14.45 -45.12 -13.21
N PRO C 8 -13.21 -45.03 -13.71
CA PRO C 8 -12.84 -45.82 -14.89
C PRO C 8 -12.99 -47.32 -14.70
N GLU C 9 -12.94 -47.83 -13.46
CA GLU C 9 -13.18 -49.25 -13.24
C GLU C 9 -14.64 -49.60 -13.32
N GLU C 10 -15.53 -48.71 -12.88
CA GLU C 10 -16.97 -48.96 -13.02
C GLU C 10 -17.39 -48.85 -14.48
N HIS C 11 -16.82 -47.90 -15.22
CA HIS C 11 -17.10 -47.78 -16.64
C HIS C 11 -16.61 -49.01 -17.41
N GLU C 12 -15.51 -49.62 -16.96
CA GLU C 12 -14.98 -50.79 -17.65
C GLU C 12 -15.89 -51.99 -17.50
N ASP C 13 -16.52 -52.15 -16.32
CA ASP C 13 -17.41 -53.29 -16.11
C ASP C 13 -18.64 -53.21 -17.00
N ILE C 14 -19.12 -51.99 -17.30
CA ILE C 14 -20.25 -51.86 -18.22
C ILE C 14 -19.85 -52.22 -19.63
N LEU C 15 -18.64 -51.80 -20.05
CA LEU C 15 -18.16 -52.16 -21.37
C LEU C 15 -17.97 -53.68 -21.49
N ASN C 16 -17.43 -54.31 -20.45
CA ASN C 16 -17.29 -55.76 -20.47
C ASN C 16 -18.65 -56.45 -20.54
N LYS C 17 -19.67 -55.86 -19.92
CA LYS C 17 -21.01 -56.42 -20.01
C LYS C 17 -21.56 -56.30 -21.42
N LEU C 18 -21.34 -55.17 -22.08
CA LEU C 18 -21.80 -54.97 -23.45
C LEU C 18 -21.01 -55.81 -24.45
N LEU C 19 -19.86 -56.34 -24.06
CA LEU C 19 -19.09 -57.19 -24.96
C LEU C 19 -19.82 -58.51 -25.23
N ASP C 20 -20.68 -58.93 -24.33
CA ASP C 20 -21.36 -60.22 -24.41
C ASP C 20 -22.33 -60.25 -25.59
N PRO C 21 -22.11 -61.10 -26.60
CA PRO C 21 -23.06 -61.14 -27.73
C PRO C 21 -24.41 -61.72 -27.35
N GLU C 22 -24.47 -62.62 -26.37
CA GLU C 22 -25.71 -63.24 -25.92
C GLU C 22 -26.44 -62.41 -24.88
N LEU C 23 -25.94 -61.20 -24.59
CA LEU C 23 -26.55 -60.34 -23.60
C LEU C 23 -28.01 -60.04 -23.96
N ALA C 24 -28.90 -60.21 -23.00
CA ALA C 24 -30.32 -59.96 -23.23
C ALA C 24 -30.54 -58.50 -23.61
N GLN C 25 -31.58 -58.27 -24.43
CA GLN C 25 -31.85 -56.91 -24.90
C GLN C 25 -32.13 -55.96 -23.74
N SER C 26 -32.81 -56.46 -22.70
CA SER C 26 -33.11 -55.62 -21.54
C SER C 26 -31.84 -55.22 -20.81
N GLU C 27 -30.87 -56.12 -20.70
CA GLU C 27 -29.61 -55.79 -20.04
C GLU C 27 -28.74 -54.91 -20.93
N ARG C 28 -28.78 -55.15 -22.24
CA ARG C 28 -28.03 -54.31 -23.16
C ARG C 28 -28.60 -52.90 -23.21
N THR C 29 -29.93 -52.77 -23.17
CA THR C 29 -30.55 -51.44 -23.16
C THR C 29 -30.25 -50.71 -21.86
N GLU C 30 -30.29 -51.41 -20.73
CA GLU C 30 -30.04 -50.77 -19.45
C GLU C 30 -28.59 -50.32 -19.33
N ALA C 31 -27.65 -51.12 -19.82
CA ALA C 31 -26.23 -50.76 -19.73
C ALA C 31 -25.93 -49.52 -20.55
N LEU C 32 -26.45 -49.45 -21.78
CA LEU C 32 -26.24 -48.26 -22.60
C LEU C 32 -26.95 -47.05 -22.03
N GLN C 33 -28.06 -47.26 -21.31
CA GLN C 33 -28.74 -46.15 -20.66
C GLN C 33 -27.91 -45.59 -19.52
N GLN C 34 -27.17 -46.45 -18.80
CA GLN C 34 -26.27 -45.97 -17.76
C GLN C 34 -25.17 -45.11 -18.35
N LEU C 35 -24.57 -45.54 -19.47
CA LEU C 35 -23.53 -44.74 -20.11
C LEU C 35 -24.09 -43.44 -20.66
N ARG C 36 -25.33 -43.46 -21.15
CA ARG C 36 -25.93 -42.25 -21.70
C ARG C 36 -26.16 -41.20 -20.61
N VAL C 37 -26.67 -41.63 -19.45
CA VAL C 37 -26.90 -40.69 -18.35
C VAL C 37 -25.57 -40.24 -17.75
N ASN C 38 -24.63 -41.18 -17.60
CA ASN C 38 -23.34 -40.84 -16.99
C ASN C 38 -22.55 -39.87 -17.86
N TYR C 39 -22.56 -40.07 -19.17
CA TYR C 39 -21.80 -39.19 -20.06
C TYR C 39 -22.40 -37.78 -20.07
N GLY C 40 -23.72 -37.68 -20.05
CA GLY C 40 -24.35 -36.37 -19.98
C GLY C 40 -24.09 -35.66 -18.67
N SER C 41 -23.98 -36.42 -17.57
CA SER C 41 -23.65 -35.83 -16.28
C SER C 41 -22.18 -35.47 -16.19
N PHE C 42 -21.32 -36.14 -16.97
CA PHE C 42 -19.90 -35.83 -16.94
C PHE C 42 -19.56 -34.64 -17.82
N VAL C 43 -20.29 -34.45 -18.92
CA VAL C 43 -20.08 -33.27 -19.76
C VAL C 43 -20.56 -32.02 -19.03
N SER C 44 -21.69 -32.11 -18.33
CA SER C 44 -22.19 -30.96 -17.59
C SER C 44 -21.25 -30.59 -16.44
N GLU C 45 -20.68 -31.59 -15.77
CA GLU C 45 -19.71 -31.30 -14.72
C GLU C 45 -18.45 -30.69 -15.28
N TYR C 46 -18.04 -31.09 -16.49
CA TYR C 46 -16.87 -30.49 -17.12
C TYR C 46 -17.14 -29.05 -17.55
N ASN C 47 -18.35 -28.78 -18.06
CA ASN C 47 -18.69 -27.42 -18.49
C ASN C 47 -18.81 -26.49 -17.30
N ASP C 48 -19.37 -26.98 -16.18
CA ASP C 48 -19.47 -26.14 -14.99
C ASP C 48 -18.12 -25.90 -14.36
N LEU C 49 -17.20 -26.87 -14.46
CA LEU C 49 -15.84 -26.65 -13.95
C LEU C 49 -15.14 -25.54 -14.71
N THR C 50 -15.16 -25.62 -16.05
CA THR C 50 -14.56 -24.57 -16.87
C THR C 50 -15.28 -23.24 -16.68
N LYS C 51 -16.55 -23.28 -16.28
CA LYS C 51 -17.29 -22.05 -15.98
C LYS C 51 -16.87 -21.47 -14.65
N LYS C 52 -16.70 -22.32 -13.63
CA LYS C 52 -16.30 -21.82 -12.31
C LYS C 52 -14.85 -21.35 -12.30
N MET C 53 -13.98 -22.01 -13.08
CA MET C 53 -12.58 -21.58 -13.13
C MET C 53 -12.45 -20.19 -13.73
N ASP C 54 -13.24 -19.89 -14.76
CA ASP C 54 -13.17 -18.57 -15.38
C ASP C 54 -13.78 -17.51 -14.46
N ALA C 55 -14.84 -17.87 -13.73
CA ALA C 55 -15.47 -16.93 -12.81
C ALA C 55 -14.62 -16.69 -11.58
N ASP C 56 -13.90 -17.71 -11.12
CA ASP C 56 -13.03 -17.54 -9.96
C ASP C 56 -11.85 -16.62 -10.28
N LEU C 57 -11.21 -16.85 -11.44
CA LEU C 57 -10.09 -16.00 -11.83
C LEU C 57 -10.54 -14.58 -12.15
N SER C 58 -11.80 -14.41 -12.57
CA SER C 58 -12.31 -13.06 -12.82
C SER C 58 -12.64 -12.34 -11.53
N GLN C 59 -13.22 -13.04 -10.56
CA GLN C 59 -13.53 -12.40 -9.28
C GLN C 59 -12.27 -12.05 -8.51
N LEU C 60 -11.21 -12.86 -8.64
CA LEU C 60 -9.96 -12.54 -7.95
C LEU C 60 -9.31 -11.31 -8.56
N GLN C 61 -9.37 -11.16 -9.89
CA GLN C 61 -8.84 -9.95 -10.52
C GLN C 61 -9.57 -8.71 -10.03
N THR C 62 -10.89 -8.82 -9.81
CA THR C 62 -11.68 -7.68 -9.36
C THR C 62 -11.32 -7.29 -7.93
N GLU C 63 -11.16 -8.29 -7.05
CA GLU C 63 -10.85 -7.98 -5.65
C GLU C 63 -9.45 -7.44 -5.49
N VAL C 64 -8.49 -7.94 -6.27
CA VAL C 64 -7.13 -7.42 -6.18
C VAL C 64 -7.04 -6.03 -6.79
N GLU C 65 -7.79 -5.77 -7.86
CA GLU C 65 -7.82 -4.44 -8.43
C GLU C 65 -8.39 -3.41 -7.45
N GLU C 66 -9.36 -3.83 -6.63
CA GLU C 66 -9.86 -2.95 -5.58
C GLU C 66 -8.75 -2.61 -4.58
N ALA C 67 -7.87 -3.57 -4.30
CA ALA C 67 -6.73 -3.29 -3.43
C ALA C 67 -5.70 -2.41 -4.14
N VAL C 68 -5.61 -2.51 -5.47
CA VAL C 68 -4.69 -1.66 -6.22
C VAL C 68 -5.14 -0.21 -6.16
N GLN C 69 -6.44 0.03 -6.32
CA GLN C 69 -6.94 1.41 -6.34
C GLN C 69 -6.75 2.10 -4.99
N GLU C 70 -6.81 1.35 -3.89
CA GLU C 70 -6.60 1.96 -2.58
C GLU C 70 -5.12 2.21 -2.30
N CYS C 71 -4.22 1.38 -2.82
CA CYS C 71 -2.80 1.67 -2.72
C CYS C 71 -2.46 2.96 -3.47
N ARG C 72 -3.08 3.17 -4.63
CA ARG C 72 -2.92 4.43 -5.35
C ARG C 72 -3.51 5.58 -4.54
N ASN C 73 -4.63 5.34 -3.87
CA ASN C 73 -5.22 6.38 -3.02
C ASN C 73 -4.33 6.70 -1.83
N ALA C 74 -3.77 5.67 -1.19
CA ALA C 74 -2.86 5.90 -0.07
C ALA C 74 -1.59 6.60 -0.55
N GLU C 75 -1.13 6.27 -1.76
CA GLU C 75 0.03 6.96 -2.33
C GLU C 75 -0.24 8.44 -2.51
N GLU C 76 -1.43 8.80 -3.00
CA GLU C 76 -1.72 10.21 -3.27
C GLU C 76 -1.99 10.98 -1.98
N LYS C 77 -2.46 10.30 -0.94
CA LYS C 77 -2.61 10.95 0.36
C LYS C 77 -1.26 11.32 0.95
N ALA C 78 -0.31 10.40 0.90
CA ALA C 78 1.03 10.68 1.44
C ALA C 78 1.77 11.70 0.59
N LYS C 79 1.57 11.68 -0.74
CA LYS C 79 2.20 12.68 -1.58
C LYS C 79 1.70 14.08 -1.28
N LYS C 80 0.44 14.22 -0.89
CA LYS C 80 -0.07 15.53 -0.50
C LYS C 80 0.49 15.96 0.85
N ALA C 81 0.79 15.00 1.73
CA ALA C 81 1.47 15.35 2.97
C ALA C 81 2.88 15.85 2.71
N ILE C 82 3.54 15.31 1.69
CA ILE C 82 4.86 15.79 1.30
C ILE C 82 4.76 17.24 0.81
N THR C 83 3.79 17.53 -0.05
CA THR C 83 3.61 18.90 -0.54
C THR C 83 3.23 19.84 0.59
N ASP C 84 2.40 19.36 1.53
CA ASP C 84 2.08 20.18 2.70
C ASP C 84 3.33 20.47 3.51
N ALA C 85 4.20 19.47 3.70
CA ALA C 85 5.44 19.69 4.43
C ALA C 85 6.34 20.67 3.70
N ALA C 86 6.34 20.64 2.37
CA ALA C 86 7.11 21.60 1.60
C ALA C 86 6.49 22.99 1.66
N MET C 87 5.15 23.05 1.68
CA MET C 87 4.49 24.35 1.78
C MET C 87 4.65 24.95 3.18
N MET C 88 4.78 24.12 4.20
CA MET C 88 5.06 24.62 5.54
C MET C 88 6.46 25.24 5.62
N ALA C 89 7.45 24.56 5.03
CA ALA C 89 8.80 25.11 5.01
C ALA C 89 8.87 26.40 4.22
N GLU C 90 8.07 26.54 3.16
CA GLU C 90 8.04 27.77 2.40
C GLU C 90 7.38 28.90 3.19
N GLU C 91 6.37 28.57 4.01
CA GLU C 91 5.71 29.61 4.81
C GLU C 91 6.57 30.05 5.99
N LEU C 92 7.39 29.16 6.54
CA LEU C 92 8.28 29.56 7.62
C LEU C 92 9.37 30.50 7.12
N LYS C 93 9.84 30.29 5.88
CA LYS C 93 10.86 31.17 5.31
C LYS C 93 10.29 32.50 4.84
N LYS C 94 8.99 32.57 4.55
CA LYS C 94 8.38 33.83 4.18
C LYS C 94 8.33 34.80 5.37
N GLU C 95 8.03 34.27 6.56
CA GLU C 95 7.91 35.10 7.75
C GLU C 95 9.25 35.62 8.25
N GLN C 96 10.35 35.28 7.59
CA GLN C 96 11.67 35.75 7.99
C GLN C 96 12.13 36.90 7.10
N LYS D 7 17.50 36.87 27.95
CA LYS D 7 16.97 37.42 29.19
C LYS D 7 15.58 38.01 28.96
N PRO D 8 14.65 37.74 29.87
CA PRO D 8 13.28 38.22 29.68
C PRO D 8 13.04 39.63 30.21
N GLU D 9 13.09 39.82 31.52
CA GLU D 9 12.77 41.10 32.12
C GLU D 9 14.00 41.93 32.46
N GLU D 10 15.14 41.29 32.74
CA GLU D 10 16.35 42.04 33.06
C GLU D 10 16.88 42.81 31.86
N HIS D 11 16.47 42.44 30.64
CA HIS D 11 16.86 43.21 29.47
C HIS D 11 16.29 44.61 29.51
N GLU D 12 15.09 44.79 30.07
CA GLU D 12 14.55 46.12 30.27
C GLU D 12 15.28 46.84 31.40
N ASP D 13 15.79 46.10 32.37
CA ASP D 13 16.55 46.72 33.45
C ASP D 13 17.90 47.24 32.95
N ILE D 14 18.53 46.53 32.01
CA ILE D 14 19.78 47.01 31.45
C ILE D 14 19.55 48.25 30.60
N LEU D 15 18.50 48.25 29.79
CA LEU D 15 18.18 49.41 28.98
C LEU D 15 17.79 50.61 29.84
N ASN D 16 17.16 50.37 30.99
CA ASN D 16 16.80 51.46 31.88
C ASN D 16 18.02 52.04 32.58
N LYS D 17 19.02 51.20 32.89
CA LYS D 17 20.22 51.69 33.54
C LYS D 17 21.08 52.51 32.58
N LEU D 18 21.18 52.08 31.32
CA LEU D 18 21.96 52.81 30.32
C LEU D 18 21.35 54.15 29.97
N LEU D 19 20.08 54.39 30.34
CA LEU D 19 19.46 55.68 30.05
C LEU D 19 20.14 56.80 30.84
N ASP D 20 20.77 56.46 31.95
CA ASP D 20 21.40 57.46 32.79
C ASP D 20 22.65 58.01 32.10
N PRO D 21 22.69 59.32 31.77
CA PRO D 21 23.93 59.87 31.23
C PRO D 21 25.01 60.00 32.28
N GLU D 22 24.67 59.87 33.57
CA GLU D 22 25.68 59.88 34.62
C GLU D 22 26.46 58.57 34.71
N LEU D 23 25.89 57.46 34.21
CA LEU D 23 26.43 56.11 34.37
C LEU D 23 27.96 56.05 34.27
N ALA D 24 28.59 55.42 35.27
CA ALA D 24 30.04 55.24 35.24
C ALA D 24 30.45 54.44 34.02
N GLN D 25 31.59 54.82 33.44
CA GLN D 25 32.00 54.21 32.18
C GLN D 25 32.28 52.71 32.33
N SER D 26 32.76 52.28 33.49
CA SER D 26 32.96 50.86 33.73
C SER D 26 31.63 50.13 33.83
N GLU D 27 30.64 50.75 34.50
CA GLU D 27 29.33 50.14 34.59
C GLU D 27 28.56 50.25 33.28
N ARG D 28 28.87 51.26 32.47
CA ARG D 28 28.24 51.38 31.15
C ARG D 28 28.79 50.36 30.19
N THR D 29 30.11 50.13 30.20
CA THR D 29 30.70 49.13 29.31
C THR D 29 30.25 47.72 29.67
N GLU D 30 30.10 47.45 30.97
CA GLU D 30 29.59 46.14 31.39
C GLU D 30 28.16 45.93 30.94
N ALA D 31 27.35 46.98 30.94
CA ALA D 31 25.96 46.85 30.51
C ALA D 31 25.87 46.65 29.00
N LEU D 32 26.73 47.35 28.24
CA LEU D 32 26.72 47.18 26.79
C LEU D 32 27.28 45.83 26.38
N GLN D 33 28.28 45.32 27.12
CA GLN D 33 28.82 44.00 26.82
C GLN D 33 27.82 42.90 27.15
N GLN D 34 26.98 43.12 28.16
CA GLN D 34 25.93 42.15 28.47
C GLN D 34 24.90 42.07 27.35
N LEU D 35 24.61 43.20 26.71
CA LEU D 35 23.76 43.19 25.53
C LEU D 35 24.46 42.62 24.32
N ARG D 36 25.80 42.65 24.30
CA ARG D 36 26.56 42.12 23.16
C ARG D 36 26.55 40.60 23.16
N VAL D 37 26.86 39.99 24.31
CA VAL D 37 26.89 38.53 24.38
C VAL D 37 25.48 37.95 24.25
N ASN D 38 24.49 38.61 24.85
CA ASN D 38 23.13 38.09 24.80
C ASN D 38 22.55 38.15 23.39
N TYR D 39 22.89 39.20 22.63
CA TYR D 39 22.34 39.31 21.28
C TYR D 39 22.98 38.31 20.34
N GLY D 40 24.30 38.14 20.42
CA GLY D 40 24.95 37.13 19.60
C GLY D 40 24.48 35.73 19.93
N SER D 41 24.19 35.47 21.20
CA SER D 41 23.64 34.18 21.59
C SER D 41 22.21 34.01 21.09
N PHE D 42 21.45 35.10 20.98
CA PHE D 42 20.06 35.01 20.56
C PHE D 42 19.95 34.82 19.05
N VAL D 43 20.80 35.52 18.28
CA VAL D 43 20.76 35.37 16.82
C VAL D 43 21.23 33.97 16.43
N SER D 44 22.18 33.40 17.17
CA SER D 44 22.64 32.04 16.85
C SER D 44 21.56 31.01 17.13
N GLU D 45 20.84 31.16 18.25
CA GLU D 45 19.73 30.25 18.55
C GLU D 45 18.60 30.41 17.55
N TYR D 46 18.39 31.62 17.03
CA TYR D 46 17.36 31.83 16.04
C TYR D 46 17.74 31.20 14.70
N ASN D 47 18.99 31.40 14.27
CA ASN D 47 19.46 30.79 13.03
C ASN D 47 19.54 29.28 13.15
N ASP D 48 19.89 28.77 14.34
CA ASP D 48 19.86 27.32 14.54
C ASP D 48 18.44 26.78 14.49
N LEU D 49 17.46 27.57 14.92
CA LEU D 49 16.07 27.12 14.88
C LEU D 49 15.56 27.08 13.45
N THR D 50 15.78 28.16 12.68
CA THR D 50 15.32 28.19 11.29
C THR D 50 16.04 27.14 10.45
N LYS D 51 17.24 26.74 10.85
CA LYS D 51 17.97 25.70 10.13
C LYS D 51 17.47 24.31 10.52
N LYS D 52 17.09 24.13 11.78
CA LYS D 52 16.64 22.82 12.24
C LYS D 52 15.28 22.46 11.65
N MET D 53 14.34 23.41 11.68
CA MET D 53 13.00 23.11 11.17
C MET D 53 12.98 22.98 9.65
N ASP D 54 13.88 23.67 8.95
CA ASP D 54 13.96 23.50 7.51
C ASP D 54 14.52 22.12 7.15
N ALA D 55 15.49 21.64 7.93
CA ALA D 55 16.01 20.30 7.73
C ALA D 55 15.05 19.22 8.21
N ASP D 56 14.28 19.51 9.26
CA ASP D 56 13.30 18.54 9.75
C ASP D 56 12.22 18.29 8.70
N LEU D 57 11.66 19.36 8.13
CA LEU D 57 10.62 19.19 7.12
C LEU D 57 11.16 18.54 5.86
N SER D 58 12.44 18.76 5.53
CA SER D 58 13.02 18.10 4.37
C SER D 58 13.19 16.61 4.61
N GLN D 59 13.56 16.23 5.84
CA GLN D 59 13.69 14.81 6.15
C GLN D 59 12.35 14.10 6.19
N LEU D 60 11.29 14.79 6.64
CA LEU D 60 9.97 14.18 6.66
C LEU D 60 9.46 13.91 5.26
N GLN D 61 9.77 14.82 4.32
CA GLN D 61 9.38 14.59 2.93
C GLN D 61 10.08 13.36 2.35
N THR D 62 11.36 13.18 2.67
CA THR D 62 12.09 12.02 2.18
C THR D 62 11.54 10.73 2.80
N GLU D 63 11.23 10.75 4.08
CA GLU D 63 10.77 9.53 4.75
C GLU D 63 9.35 9.17 4.34
N VAL D 64 8.49 10.17 4.14
CA VAL D 64 7.14 9.87 3.65
C VAL D 64 7.19 9.39 2.21
N GLU D 65 8.12 9.92 1.41
CA GLU D 65 8.29 9.43 0.05
C GLU D 65 8.67 7.95 0.03
N GLU D 66 9.43 7.49 1.03
CA GLU D 66 9.77 6.08 1.11
C GLU D 66 8.51 5.23 1.27
N ALA D 67 7.53 5.72 2.01
CA ALA D 67 6.26 5.01 2.14
C ALA D 67 5.47 5.06 0.84
N VAL D 68 5.61 6.16 0.08
CA VAL D 68 4.92 6.27 -1.20
C VAL D 68 5.44 5.19 -2.16
N GLN D 69 6.75 4.98 -2.19
CA GLN D 69 7.33 4.00 -3.09
C GLN D 69 6.91 2.59 -2.71
N GLU D 70 6.77 2.32 -1.41
CA GLU D 70 6.31 0.99 -0.99
C GLU D 70 4.88 0.73 -1.46
N CYS D 71 4.05 1.78 -1.51
CA CYS D 71 2.72 1.62 -2.09
C CYS D 71 2.81 1.34 -3.60
N ARG D 72 3.78 1.97 -4.28
CA ARG D 72 4.00 1.65 -5.68
C ARG D 72 4.44 0.21 -5.87
N ASN D 73 5.37 -0.26 -5.01
CA ASN D 73 5.78 -1.65 -5.08
C ASN D 73 4.63 -2.60 -4.79
N ALA D 74 3.72 -2.20 -3.90
CA ALA D 74 2.53 -3.01 -3.63
C ALA D 74 1.61 -3.04 -4.85
N GLU D 75 1.47 -1.91 -5.54
CA GLU D 75 0.68 -1.88 -6.77
C GLU D 75 1.28 -2.80 -7.82
N GLU D 76 2.60 -2.79 -7.96
CA GLU D 76 3.25 -3.61 -8.98
C GLU D 76 3.12 -5.10 -8.67
N LYS D 77 3.25 -5.47 -7.39
CA LYS D 77 3.07 -6.87 -7.02
C LYS D 77 1.64 -7.32 -7.26
N ALA D 78 0.67 -6.47 -6.94
CA ALA D 78 -0.73 -6.86 -7.09
C ALA D 78 -1.16 -6.85 -8.55
N LYS D 79 -0.65 -5.90 -9.34
CA LYS D 79 -0.95 -5.91 -10.77
C LYS D 79 -0.36 -7.13 -11.46
N LYS D 80 0.78 -7.63 -10.96
CA LYS D 80 1.33 -8.86 -11.51
C LYS D 80 0.41 -10.05 -11.23
N ALA D 81 -0.18 -10.09 -10.03
CA ALA D 81 -1.15 -11.14 -9.73
C ALA D 81 -2.40 -11.01 -10.59
N ILE D 82 -2.79 -9.78 -10.92
CA ILE D 82 -3.94 -9.58 -11.81
C ILE D 82 -3.63 -10.10 -13.20
N THR D 83 -2.46 -9.73 -13.74
CA THR D 83 -2.10 -10.17 -15.09
C THR D 83 -1.84 -11.67 -15.11
N ASP D 84 -1.23 -12.21 -14.05
CA ASP D 84 -1.01 -13.66 -13.99
C ASP D 84 -2.34 -14.41 -13.91
N ALA D 85 -3.29 -13.89 -13.15
CA ALA D 85 -4.60 -14.52 -13.07
C ALA D 85 -5.30 -14.50 -14.42
N ALA D 86 -5.20 -13.38 -15.14
CA ALA D 86 -5.76 -13.33 -16.49
C ALA D 86 -5.00 -14.22 -17.46
N MET D 87 -3.69 -14.39 -17.23
CA MET D 87 -2.89 -15.23 -18.12
C MET D 87 -3.24 -16.71 -17.94
N MET D 88 -3.39 -17.16 -16.68
CA MET D 88 -3.79 -18.54 -16.43
C MET D 88 -5.27 -18.78 -16.72
N ALA D 89 -6.01 -17.74 -17.11
CA ALA D 89 -7.39 -17.91 -17.56
C ALA D 89 -7.44 -18.27 -19.05
N GLU D 90 -6.69 -17.53 -19.89
CA GLU D 90 -6.59 -17.90 -21.30
C GLU D 90 -5.81 -19.18 -21.50
N GLU D 91 -4.93 -19.53 -20.55
CA GLU D 91 -4.21 -20.79 -20.66
C GLU D 91 -5.11 -21.99 -20.42
N LEU D 92 -6.15 -21.82 -19.60
CA LEU D 92 -7.13 -22.88 -19.39
C LEU D 92 -8.07 -23.04 -20.58
N LYS D 93 -8.37 -21.95 -21.29
CA LYS D 93 -9.21 -22.03 -22.48
C LYS D 93 -8.47 -22.58 -23.69
N LYS D 94 -7.13 -22.54 -23.68
CA LYS D 94 -6.37 -23.10 -24.79
C LYS D 94 -6.43 -24.63 -24.80
N GLU D 95 -6.78 -25.25 -23.68
CA GLU D 95 -6.87 -26.70 -23.58
C GLU D 95 -8.18 -27.13 -22.95
#